data_2BAY
#
_entry.id   2BAY
#
_cell.length_a   49.421
_cell.length_b   57.105
_cell.length_c   122.587
_cell.angle_alpha   90.00
_cell.angle_beta   90.00
_cell.angle_gamma   90.00
#
_symmetry.space_group_name_H-M   'P 21 21 21'
#
loop_
_entity.id
_entity.type
_entity.pdbx_description
1 polymer 'Pre-mRNA splicing factor PRP19'
2 water water
#
_entity_poly.entity_id   1
_entity_poly.type   'polypeptide(L)'
_entity_poly.pdbx_seq_one_letter_code
;GSHMLCAISGKVPRRPVLSPKSRTIFEKSLLEQYVKDTGNDPITNEPLSIEEIVEIVPSAQ
;
_entity_poly.pdbx_strand_id   A,B,C,D,E,F
#
# COMPACT_ATOMS: atom_id res chain seq x y z
N MET A 4 21.22 18.48 -2.21
CA MET A 4 20.38 17.56 -1.43
C MET A 4 19.72 18.23 -0.22
N LEU A 5 19.45 19.53 -0.34
CA LEU A 5 18.69 20.25 0.68
C LEU A 5 17.21 20.24 0.28
N CYS A 6 16.31 20.38 1.25
CA CYS A 6 14.89 20.54 0.94
C CYS A 6 14.69 21.81 0.13
N ALA A 7 13.88 21.73 -0.90
CA ALA A 7 13.64 22.86 -1.82
C ALA A 7 12.88 23.97 -1.12
N ILE A 8 12.19 23.61 -0.06
CA ILE A 8 11.44 24.60 0.74
C ILE A 8 12.26 25.12 1.90
N SER A 9 12.63 24.23 2.83
CA SER A 9 13.26 24.64 4.08
C SER A 9 14.73 25.02 3.93
N GLY A 10 15.39 24.54 2.88
CA GLY A 10 16.79 24.81 2.68
C GLY A 10 17.73 24.04 3.59
N LYS A 11 17.19 23.05 4.31
CA LYS A 11 17.96 22.26 5.29
C LYS A 11 18.08 20.82 4.82
N VAL A 12 19.04 20.10 5.36
CA VAL A 12 19.10 18.67 5.14
C VAL A 12 17.85 18.07 5.78
N PRO A 13 17.03 17.36 5.00
CA PRO A 13 15.79 16.83 5.56
C PRO A 13 15.98 15.79 6.66
N ARG A 14 15.14 15.85 7.68
CA ARG A 14 15.02 14.76 8.66
C ARG A 14 14.47 13.51 7.99
N ARG A 15 13.51 13.70 7.09
CA ARG A 15 12.89 12.59 6.40
C ARG A 15 12.85 12.94 4.92
N PRO A 16 13.93 12.67 4.17
CA PRO A 16 13.99 13.11 2.76
C PRO A 16 13.06 12.32 1.86
N VAL A 17 12.42 13.05 0.95
CA VAL A 17 11.60 12.46 -0.09
C VAL A 17 11.88 13.14 -1.40
N LEU A 18 11.49 12.50 -2.50
CA LEU A 18 11.60 13.11 -3.80
C LEU A 18 10.27 13.17 -4.51
N SER A 19 9.96 14.31 -5.13
CA SER A 19 8.84 14.38 -6.04
C SER A 19 9.29 13.91 -7.40
N PRO A 20 8.63 12.93 -8.01
CA PRO A 20 9.03 12.48 -9.35
C PRO A 20 8.68 13.49 -10.46
N LYS A 21 7.82 14.46 -10.14
CA LYS A 21 7.45 15.49 -11.10
C LYS A 21 8.57 16.53 -11.24
N SER A 22 9.00 17.12 -10.13
CA SER A 22 10.08 18.11 -10.15
C SER A 22 11.47 17.51 -9.96
N ARG A 23 11.55 16.20 -9.72
CA ARG A 23 12.84 15.54 -9.45
C ARG A 23 13.67 16.28 -8.38
N THR A 24 12.95 16.78 -7.39
CA THR A 24 13.50 17.62 -6.35
C THR A 24 13.29 17.00 -4.97
N ILE A 25 14.23 17.24 -4.08
CA ILE A 25 14.21 16.75 -2.72
C ILE A 25 13.43 17.69 -1.83
N PHE A 26 12.65 17.10 -0.92
CA PHE A 26 11.87 17.82 0.10
C PHE A 26 11.94 17.12 1.44
N GLU A 27 11.69 17.86 2.51
CA GLU A 27 11.25 17.29 3.78
C GLU A 27 9.89 16.66 3.59
N LYS A 28 9.72 15.44 4.05
CA LYS A 28 8.49 14.68 3.85
C LYS A 28 7.24 15.48 4.21
N SER A 29 7.19 15.97 5.43
CA SER A 29 5.99 16.62 5.90
C SER A 29 5.69 17.89 5.12
N LEU A 30 6.73 18.62 4.70
CA LEU A 30 6.52 19.85 3.93
C LEU A 30 5.96 19.54 2.55
N LEU A 31 6.48 18.53 1.87
CA LEU A 31 5.87 18.15 0.62
C LEU A 31 4.46 17.63 0.78
N GLU A 32 4.22 16.79 1.79
CA GLU A 32 2.88 16.25 2.02
C GLU A 32 1.86 17.36 2.34
N GLN A 33 2.30 18.41 3.02
CA GLN A 33 1.41 19.52 3.34
C GLN A 33 0.90 20.12 2.02
N TYR A 34 1.81 20.41 1.09
CA TYR A 34 1.42 20.94 -0.20
C TYR A 34 0.53 19.97 -0.95
N VAL A 35 0.87 18.70 -0.96
CA VAL A 35 0.09 17.73 -1.71
C VAL A 35 -1.33 17.57 -1.16
N LYS A 36 -1.47 17.51 0.15
CA LYS A 36 -2.79 17.41 0.77
C LYS A 36 -3.64 18.64 0.47
N ASP A 37 -3.02 19.82 0.48
CA ASP A 37 -3.76 21.06 0.32
C ASP A 37 -4.12 21.36 -1.14
N THR A 38 -3.21 21.07 -2.07
CA THR A 38 -3.37 21.49 -3.49
C THR A 38 -3.43 20.35 -4.51
N GLY A 39 -2.94 19.16 -4.14
CA GLY A 39 -2.81 18.05 -5.08
C GLY A 39 -1.76 18.22 -6.15
N ASN A 40 -0.84 19.18 -5.94
CA ASN A 40 0.15 19.54 -6.92
C ASN A 40 1.57 19.64 -6.35
N ASP A 41 2.54 19.39 -7.21
CA ASP A 41 3.93 19.66 -6.87
C ASP A 41 4.08 21.17 -6.75
N PRO A 42 4.69 21.67 -5.68
CA PRO A 42 4.76 23.12 -5.46
C PRO A 42 5.78 23.85 -6.31
N ILE A 43 6.68 23.13 -6.96
CA ILE A 43 7.65 23.78 -7.85
C ILE A 43 7.07 23.89 -9.25
N THR A 44 6.44 22.85 -9.78
CA THR A 44 5.98 22.85 -11.19
C THR A 44 4.48 23.02 -11.36
N ASN A 45 3.72 22.94 -10.28
CA ASN A 45 2.25 22.88 -10.33
C ASN A 45 1.67 21.68 -11.05
N GLU A 46 2.47 20.66 -11.35
CA GLU A 46 1.90 19.44 -11.91
C GLU A 46 1.16 18.65 -10.84
N PRO A 47 0.13 17.91 -11.21
CA PRO A 47 -0.51 17.06 -10.23
C PRO A 47 0.47 16.08 -9.59
N LEU A 48 0.27 15.85 -8.30
CA LEU A 48 1.12 14.94 -7.55
C LEU A 48 0.29 14.34 -6.43
N SER A 49 0.28 13.01 -6.32
CA SER A 49 -0.40 12.33 -5.23
C SER A 49 0.58 11.89 -4.18
N ILE A 50 0.05 11.63 -3.00
CA ILE A 50 0.88 11.18 -1.88
C ILE A 50 1.58 9.87 -2.26
N GLU A 51 0.87 9.00 -2.96
CA GLU A 51 1.41 7.70 -3.33
C GLU A 51 2.57 7.76 -4.32
N GLU A 52 2.64 8.86 -5.08
CA GLU A 52 3.68 9.10 -6.07
C GLU A 52 4.98 9.64 -5.46
N ILE A 53 4.91 10.17 -4.25
CA ILE A 53 6.11 10.67 -3.60
C ILE A 53 7.04 9.46 -3.40
N VAL A 54 8.34 9.66 -3.60
CA VAL A 54 9.32 8.59 -3.38
C VAL A 54 10.04 8.88 -2.09
N GLU A 55 9.76 8.09 -1.05
CA GLU A 55 10.45 8.24 0.21
C GLU A 55 11.84 7.62 0.06
N ILE A 56 12.85 8.29 0.56
CA ILE A 56 14.25 7.92 0.39
C ILE A 56 14.73 7.18 1.62
N VAL A 57 15.32 6.01 1.43
CA VAL A 57 15.82 5.24 2.56
C VAL A 57 17.09 5.91 3.10
N PRO A 58 17.17 6.23 4.38
CA PRO A 58 18.41 6.89 4.88
C PRO A 58 19.66 6.03 4.75
N SER A 59 20.82 6.70 4.80
CA SER A 59 22.12 6.02 4.68
C SER A 59 22.45 5.11 5.87
N MET B 4 -27.68 2.24 0.44
CA MET B 4 -27.31 3.20 1.51
C MET B 4 -26.51 4.37 0.91
N LEU B 5 -26.89 5.58 1.28
CA LEU B 5 -26.42 6.78 0.60
C LEU B 5 -25.11 7.25 1.22
N CYS B 6 -24.40 8.07 0.45
CA CYS B 6 -23.24 8.81 0.93
C CYS B 6 -23.75 9.86 1.90
N ALA B 7 -23.09 9.99 3.05
CA ALA B 7 -23.54 10.93 4.09
C ALA B 7 -23.25 12.38 3.71
N ILE B 8 -22.39 12.60 2.71
CA ILE B 8 -22.14 13.95 2.21
C ILE B 8 -23.07 14.32 1.06
N SER B 9 -23.16 13.48 0.03
CA SER B 9 -23.89 13.82 -1.19
C SER B 9 -25.37 13.38 -1.20
N GLY B 10 -25.72 12.40 -0.37
CA GLY B 10 -27.04 11.80 -0.39
C GLY B 10 -27.35 10.89 -1.58
N LYS B 11 -26.36 10.61 -2.42
CA LYS B 11 -26.55 9.75 -3.60
C LYS B 11 -26.02 8.35 -3.33
N VAL B 12 -26.39 7.39 -4.18
CA VAL B 12 -25.79 6.07 -4.12
C VAL B 12 -24.36 6.21 -4.64
N PRO B 13 -23.37 5.98 -3.77
CA PRO B 13 -21.98 6.17 -4.17
C PRO B 13 -21.58 5.18 -5.26
N ARG B 14 -20.72 5.63 -6.16
CA ARG B 14 -20.22 4.77 -7.20
C ARG B 14 -19.00 4.01 -6.64
N ARG B 15 -18.36 4.60 -5.63
CA ARG B 15 -17.21 4.01 -4.98
C ARG B 15 -17.38 4.09 -3.46
N PRO B 16 -18.20 3.20 -2.91
CA PRO B 16 -18.54 3.31 -1.49
C PRO B 16 -17.35 3.02 -0.59
N VAL B 17 -17.19 3.83 0.46
CA VAL B 17 -16.18 3.63 1.49
C VAL B 17 -16.82 3.84 2.85
N LEU B 18 -16.17 3.37 3.89
CA LEU B 18 -16.66 3.54 5.25
C LEU B 18 -15.59 4.23 6.08
N SER B 19 -15.98 5.24 6.87
CA SER B 19 -15.09 5.73 7.90
C SER B 19 -15.24 4.86 9.14
N PRO B 20 -14.14 4.36 9.69
CA PRO B 20 -14.24 3.54 10.92
C PRO B 20 -14.60 4.39 12.14
N LYS B 21 -14.50 5.72 12.03
CA LYS B 21 -14.82 6.62 13.15
C LYS B 21 -16.31 6.84 13.31
N SER B 22 -16.98 7.19 12.23
CA SER B 22 -18.42 7.41 12.20
C SER B 22 -19.21 6.14 11.80
N ARG B 23 -18.51 5.10 11.37
CA ARG B 23 -19.15 3.86 10.92
C ARG B 23 -20.19 4.13 9.84
N THR B 24 -19.89 5.07 8.96
CA THR B 24 -20.82 5.62 8.02
C THR B 24 -20.26 5.51 6.60
N ILE B 25 -21.14 5.37 5.62
CA ILE B 25 -20.78 5.22 4.21
C ILE B 25 -20.68 6.58 3.53
N PHE B 26 -19.67 6.70 2.66
CA PHE B 26 -19.43 7.89 1.84
C PHE B 26 -18.99 7.50 0.43
N GLU B 27 -19.10 8.44 -0.49
CA GLU B 27 -18.43 8.38 -1.78
C GLU B 27 -16.95 8.58 -1.54
N LYS B 28 -16.13 7.69 -2.08
CA LYS B 28 -14.70 7.75 -1.91
C LYS B 28 -14.13 9.14 -2.08
N SER B 29 -14.39 9.76 -3.24
CA SER B 29 -13.79 11.04 -3.52
C SER B 29 -14.19 12.10 -2.49
N LEU B 30 -15.45 12.11 -2.07
CA LEU B 30 -15.95 13.17 -1.20
C LEU B 30 -15.40 13.01 0.22
N LEU B 31 -15.30 11.78 0.70
CA LEU B 31 -14.70 11.61 2.04
C LEU B 31 -13.22 11.92 1.98
N GLU B 32 -12.53 11.49 0.93
CA GLU B 32 -11.10 11.73 0.81
C GLU B 32 -10.77 13.21 0.76
N GLN B 33 -11.58 13.97 0.04
CA GLN B 33 -11.36 15.42 -0.05
C GLN B 33 -11.58 16.08 1.31
N TYR B 34 -12.59 15.62 2.04
CA TYR B 34 -12.87 16.16 3.36
C TYR B 34 -11.71 15.86 4.31
N VAL B 35 -11.16 14.66 4.21
CA VAL B 35 -10.04 14.26 5.06
C VAL B 35 -8.75 15.02 4.70
N LYS B 36 -8.46 15.16 3.42
CA LYS B 36 -7.29 15.89 2.96
C LYS B 36 -7.35 17.35 3.44
N ASP B 37 -8.55 17.95 3.40
CA ASP B 37 -8.78 19.34 3.82
C ASP B 37 -8.69 19.55 5.32
N THR B 38 -9.34 18.67 6.10
CA THR B 38 -9.60 18.92 7.53
C THR B 38 -8.86 18.01 8.49
N GLY B 39 -8.38 16.87 7.98
CA GLY B 39 -7.80 15.84 8.81
C GLY B 39 -8.78 15.03 9.66
N ASN B 40 -10.08 15.17 9.42
CA ASN B 40 -11.10 14.71 10.36
C ASN B 40 -12.19 13.92 9.68
N ASP B 41 -12.95 13.19 10.51
CA ASP B 41 -14.19 12.59 10.07
C ASP B 41 -15.29 13.68 10.03
N PRO B 42 -16.09 13.77 8.95
CA PRO B 42 -17.08 14.84 8.82
C PRO B 42 -18.25 14.81 9.81
N ILE B 43 -18.48 13.66 10.42
CA ILE B 43 -19.59 13.50 11.36
C ILE B 43 -19.14 13.65 12.81
N THR B 44 -18.06 12.99 13.23
CA THR B 44 -17.63 13.01 14.64
C THR B 44 -16.59 14.08 14.94
N ASN B 45 -15.93 14.59 13.90
CA ASN B 45 -14.79 15.52 14.01
C ASN B 45 -13.54 14.95 14.63
N GLU B 46 -13.50 13.63 14.80
CA GLU B 46 -12.30 12.97 15.28
C GLU B 46 -11.29 12.92 14.14
N PRO B 47 -10.01 12.81 14.48
CA PRO B 47 -8.99 12.63 13.44
C PRO B 47 -9.21 11.36 12.64
N LEU B 48 -8.96 11.47 11.34
CA LEU B 48 -9.12 10.37 10.41
C LEU B 48 -8.03 10.47 9.33
N SER B 49 -7.33 9.37 9.05
CA SER B 49 -6.35 9.33 7.97
C SER B 49 -6.93 8.64 6.76
N ILE B 50 -6.39 8.95 5.58
CA ILE B 50 -6.85 8.33 4.35
C ILE B 50 -6.69 6.81 4.48
N GLU B 51 -5.61 6.39 5.13
CA GLU B 51 -5.21 4.99 5.21
C GLU B 51 -6.21 4.16 6.05
N GLU B 52 -6.89 4.85 6.97
CA GLU B 52 -7.91 4.24 7.85
C GLU B 52 -9.27 4.01 7.19
N ILE B 53 -9.53 4.69 6.08
CA ILE B 53 -10.79 4.49 5.36
C ILE B 53 -10.83 3.06 4.85
N VAL B 54 -12.01 2.45 4.94
CA VAL B 54 -12.18 1.10 4.42
C VAL B 54 -12.98 1.16 3.15
N GLU B 55 -12.36 0.81 2.02
CA GLU B 55 -13.09 0.78 0.78
C GLU B 55 -13.96 -0.47 0.69
N ILE B 56 -15.15 -0.34 0.18
CA ILE B 56 -16.12 -1.43 0.15
C ILE B 56 -16.14 -2.05 -1.23
N VAL B 57 -16.01 -3.37 -1.26
CA VAL B 57 -16.10 -4.11 -2.51
C VAL B 57 -17.57 -4.16 -2.93
N PRO B 58 -17.88 -3.69 -4.14
CA PRO B 58 -19.25 -3.85 -4.67
C PRO B 58 -19.73 -5.30 -4.72
N SER B 59 -21.06 -5.44 -4.81
CA SER B 59 -21.71 -6.74 -4.86
C SER B 59 -21.43 -7.46 -6.17
N MET C 4 -27.09 -2.28 -1.98
CA MET C 4 -26.13 -3.36 -1.61
C MET C 4 -26.85 -4.46 -0.79
N LEU C 5 -26.15 -5.54 -0.59
CA LEU C 5 -26.74 -6.86 -0.50
C LEU C 5 -25.78 -7.72 0.31
N CYS C 6 -26.32 -8.59 1.14
CA CYS C 6 -25.48 -9.49 1.94
C CYS C 6 -24.75 -10.52 1.05
N ALA C 7 -23.45 -10.64 1.22
CA ALA C 7 -22.63 -11.58 0.47
C ALA C 7 -22.80 -13.06 0.86
N ILE C 8 -23.50 -13.33 1.97
CA ILE C 8 -23.88 -14.70 2.30
C ILE C 8 -25.27 -15.00 1.72
N SER C 9 -26.28 -14.21 2.07
CA SER C 9 -27.66 -14.58 1.74
C SER C 9 -28.13 -14.08 0.38
N GLY C 10 -27.58 -12.95 -0.05
CA GLY C 10 -28.01 -12.26 -1.24
C GLY C 10 -29.25 -11.40 -1.01
N LYS C 11 -29.66 -11.22 0.24
CA LYS C 11 -30.81 -10.40 0.59
C LYS C 11 -30.35 -9.00 0.99
N VAL C 12 -31.26 -8.03 0.90
CA VAL C 12 -30.98 -6.71 1.40
C VAL C 12 -30.88 -6.84 2.90
N PRO C 13 -29.74 -6.46 3.48
CA PRO C 13 -29.58 -6.57 4.92
C PRO C 13 -30.48 -5.60 5.66
N ARG C 14 -31.08 -6.05 6.75
CA ARG C 14 -31.79 -5.22 7.70
C ARG C 14 -30.80 -4.51 8.60
N ARG C 15 -29.68 -5.18 8.85
CA ARG C 15 -28.62 -4.64 9.69
C ARG C 15 -27.27 -4.83 9.01
N PRO C 16 -26.96 -3.97 8.04
CA PRO C 16 -25.72 -4.13 7.27
C PRO C 16 -24.49 -3.95 8.13
N VAL C 17 -23.53 -4.87 7.95
CA VAL C 17 -22.23 -4.76 8.64
C VAL C 17 -21.15 -4.94 7.60
N LEU C 18 -19.96 -4.44 7.92
CA LEU C 18 -18.78 -4.60 7.07
C LEU C 18 -17.72 -5.44 7.79
N SER C 19 -17.20 -6.43 7.10
CA SER C 19 -16.04 -7.14 7.58
C SER C 19 -14.80 -6.40 7.13
N PRO C 20 -13.87 -6.14 8.04
CA PRO C 20 -12.63 -5.47 7.66
C PRO C 20 -11.72 -6.35 6.78
N LYS C 21 -11.97 -7.65 6.71
CA LYS C 21 -11.12 -8.58 5.96
C LYS C 21 -11.49 -8.62 4.49
N SER C 22 -12.72 -9.02 4.21
CA SER C 22 -13.25 -9.03 2.86
C SER C 22 -13.73 -7.64 2.40
N ARG C 23 -13.84 -6.67 3.32
CA ARG C 23 -14.37 -5.34 2.99
C ARG C 23 -15.71 -5.43 2.26
N THR C 24 -16.52 -6.40 2.68
CA THR C 24 -17.79 -6.72 2.03
C THR C 24 -18.91 -6.56 3.06
N ILE C 25 -20.10 -6.21 2.56
CA ILE C 25 -21.29 -6.05 3.36
C ILE C 25 -22.00 -7.38 3.55
N PHE C 26 -22.45 -7.59 4.79
CA PHE C 26 -23.25 -8.76 5.18
C PHE C 26 -24.41 -8.34 6.05
N GLU C 27 -25.37 -9.25 6.19
CA GLU C 27 -26.35 -9.18 7.26
C GLU C 27 -25.69 -9.55 8.59
N LYS C 28 -25.90 -8.76 9.63
CA LYS C 28 -25.19 -8.90 10.89
C LYS C 28 -25.29 -10.32 11.45
N SER C 29 -26.50 -10.85 11.60
CA SER C 29 -26.61 -12.15 12.28
C SER C 29 -26.02 -13.27 11.44
N LEU C 30 -26.02 -13.12 10.12
CA LEU C 30 -25.44 -14.14 9.25
C LEU C 30 -23.92 -14.14 9.33
N LEU C 31 -23.30 -12.97 9.29
CA LEU C 31 -21.86 -12.94 9.44
C LEU C 31 -21.44 -13.44 10.81
N GLU C 32 -22.14 -13.00 11.85
CA GLU C 32 -21.84 -13.44 13.19
C GLU C 32 -22.01 -14.95 13.35
N GLN C 33 -23.03 -15.54 12.72
CA GLN C 33 -23.19 -16.98 12.74
C GLN C 33 -21.99 -17.68 12.12
N TYR C 34 -21.55 -17.16 10.98
CA TYR C 34 -20.47 -17.78 10.25
C TYR C 34 -19.18 -17.69 11.07
N VAL C 35 -18.92 -16.54 11.66
CA VAL C 35 -17.75 -16.34 12.50
C VAL C 35 -17.74 -17.26 13.73
N LYS C 36 -18.89 -17.37 14.40
CA LYS C 36 -19.00 -18.25 15.57
C LYS C 36 -18.69 -19.68 15.17
N ASP C 37 -19.16 -20.09 14.00
CA ASP C 37 -19.01 -21.46 13.50
C ASP C 37 -17.58 -21.77 13.02
N THR C 38 -16.89 -20.79 12.41
CA THR C 38 -15.60 -21.05 11.73
C THR C 38 -14.38 -20.25 12.22
N GLY C 39 -14.63 -19.11 12.88
CA GLY C 39 -13.61 -18.17 13.25
C GLY C 39 -13.08 -17.29 12.14
N ASN C 40 -13.73 -17.37 10.98
CA ASN C 40 -13.20 -16.78 9.77
C ASN C 40 -14.17 -15.88 9.03
N ASP C 41 -13.58 -15.02 8.20
CA ASP C 41 -14.34 -14.31 7.18
C ASP C 41 -14.70 -15.30 6.07
N PRO C 42 -15.95 -15.30 5.61
CA PRO C 42 -16.42 -16.31 4.66
C PRO C 42 -15.89 -16.14 3.23
N ILE C 43 -15.35 -14.96 2.90
CA ILE C 43 -14.82 -14.71 1.54
C ILE C 43 -13.31 -14.95 1.48
N THR C 44 -12.56 -14.43 2.44
CA THR C 44 -11.10 -14.59 2.40
C THR C 44 -10.59 -15.75 3.24
N ASN C 45 -11.46 -16.32 4.08
CA ASN C 45 -11.10 -17.38 5.04
C ASN C 45 -10.07 -16.96 6.10
N GLU C 46 -9.83 -15.66 6.25
CA GLU C 46 -8.95 -15.19 7.29
C GLU C 46 -9.62 -15.17 8.66
N PRO C 47 -8.83 -15.25 9.72
CA PRO C 47 -9.40 -15.09 11.05
C PRO C 47 -10.18 -13.77 11.18
N LEU C 48 -11.35 -13.86 11.82
CA LEU C 48 -12.21 -12.70 12.08
C LEU C 48 -12.91 -12.90 13.41
N SER C 49 -12.86 -11.88 14.28
CA SER C 49 -13.58 -11.88 15.56
C SER C 49 -14.88 -11.12 15.41
N ILE C 50 -15.93 -11.52 16.13
CA ILE C 50 -17.20 -10.81 16.00
C ILE C 50 -17.07 -9.32 16.38
N GLU C 51 -16.18 -9.01 17.32
CA GLU C 51 -16.00 -7.64 17.80
C GLU C 51 -15.37 -6.69 16.77
N GLU C 52 -14.74 -7.27 15.74
CA GLU C 52 -14.13 -6.52 14.63
C GLU C 52 -15.12 -6.16 13.56
N ILE C 53 -16.29 -6.78 13.57
CA ILE C 53 -17.31 -6.48 12.59
C ILE C 53 -17.82 -5.06 12.82
N VAL C 54 -17.94 -4.29 11.75
CA VAL C 54 -18.35 -2.87 11.84
C VAL C 54 -19.81 -2.75 11.49
N GLU C 55 -20.63 -2.38 12.47
CA GLU C 55 -22.05 -2.18 12.21
C GLU C 55 -22.25 -0.78 11.62
N ILE C 56 -22.83 -0.75 10.44
CA ILE C 56 -23.02 0.49 9.68
C ILE C 56 -24.17 1.32 10.26
N VAL C 57 -23.94 2.62 10.38
CA VAL C 57 -24.89 3.57 10.91
C VAL C 57 -25.61 4.17 9.72
N PRO C 58 -26.93 4.19 9.73
CA PRO C 58 -27.70 4.89 8.68
C PRO C 58 -27.79 6.39 8.98
N HIS D 3 23.96 14.64 5.05
CA HIS D 3 24.37 13.24 5.37
C HIS D 3 23.55 12.15 4.63
N MET D 4 23.07 12.48 3.44
CA MET D 4 22.66 11.51 2.44
C MET D 4 23.93 11.15 1.64
N LEU D 5 24.34 9.91 1.76
CA LEU D 5 25.55 9.40 1.13
C LEU D 5 25.18 8.39 0.05
N CYS D 6 26.08 8.24 -0.92
CA CYS D 6 25.94 7.21 -1.95
C CYS D 6 26.00 5.85 -1.25
N ALA D 7 25.10 4.95 -1.62
CA ALA D 7 25.05 3.61 -1.05
C ALA D 7 26.21 2.73 -1.53
N ILE D 8 26.88 3.14 -2.61
CA ILE D 8 28.10 2.44 -3.05
C ILE D 8 29.39 3.04 -2.47
N SER D 9 29.58 4.35 -2.59
CA SER D 9 30.83 4.97 -2.19
C SER D 9 30.87 5.34 -0.72
N GLY D 10 29.70 5.59 -0.14
CA GLY D 10 29.64 6.12 1.21
C GLY D 10 30.02 7.58 1.32
N LYS D 11 30.08 8.28 0.18
CA LYS D 11 30.42 9.70 0.14
C LYS D 11 29.24 10.53 -0.37
N VAL D 12 29.26 11.82 -0.08
CA VAL D 12 28.26 12.73 -0.59
C VAL D 12 28.41 12.81 -2.12
N PRO D 13 27.38 12.44 -2.87
CA PRO D 13 27.50 12.50 -4.33
C PRO D 13 27.58 13.93 -4.85
N ARG D 14 28.46 14.18 -5.84
CA ARG D 14 28.48 15.47 -6.53
C ARG D 14 27.27 15.56 -7.44
N ARG D 15 26.85 14.41 -7.98
CA ARG D 15 25.73 14.34 -8.91
C ARG D 15 24.78 13.22 -8.46
N PRO D 16 23.94 13.52 -7.49
CA PRO D 16 23.10 12.49 -6.90
C PRO D 16 21.99 12.03 -7.80
N VAL D 17 21.74 10.71 -7.73
CA VAL D 17 20.62 10.12 -8.42
C VAL D 17 19.89 9.18 -7.48
N LEU D 18 18.66 8.85 -7.84
CA LEU D 18 17.83 7.96 -7.04
C LEU D 18 17.37 6.77 -7.88
N SER D 19 17.54 5.57 -7.35
CA SER D 19 16.89 4.43 -7.98
C SER D 19 15.47 4.31 -7.46
N PRO D 20 14.48 4.19 -8.35
CA PRO D 20 13.10 3.97 -7.90
C PRO D 20 12.85 2.61 -7.27
N LYS D 21 13.73 1.64 -7.53
CA LYS D 21 13.57 0.31 -6.94
C LYS D 21 13.97 0.28 -5.46
N SER D 22 15.21 0.67 -5.18
CA SER D 22 15.73 0.66 -3.82
C SER D 22 15.42 1.96 -3.09
N ARG D 23 14.91 2.96 -3.80
CA ARG D 23 14.60 4.28 -3.22
C ARG D 23 15.83 4.83 -2.50
N THR D 24 16.99 4.62 -3.12
CA THR D 24 18.27 4.87 -2.49
C THR D 24 19.07 5.83 -3.37
N ILE D 25 19.85 6.68 -2.71
CA ILE D 25 20.73 7.65 -3.35
C ILE D 25 22.06 7.04 -3.75
N PHE D 26 22.53 7.40 -4.94
CA PHE D 26 23.83 6.99 -5.43
C PHE D 26 24.53 8.14 -6.15
N GLU D 27 25.83 8.03 -6.30
CA GLU D 27 26.56 8.78 -7.30
C GLU D 27 26.10 8.37 -8.68
N LYS D 28 25.78 9.33 -9.54
CA LYS D 28 25.32 9.03 -10.88
C LYS D 28 26.21 8.03 -11.64
N SER D 29 27.50 8.29 -11.69
CA SER D 29 28.41 7.45 -12.48
C SER D 29 28.47 6.02 -11.95
N LEU D 30 28.41 5.87 -10.63
CA LEU D 30 28.48 4.55 -10.01
C LEU D 30 27.23 3.71 -10.28
N LEU D 31 26.04 4.28 -10.12
CA LEU D 31 24.83 3.52 -10.39
C LEU D 31 24.74 3.20 -11.88
N GLU D 32 25.11 4.14 -12.72
CA GLU D 32 25.05 3.91 -14.16
C GLU D 32 25.97 2.77 -14.55
N GLN D 33 27.17 2.75 -14.00
CA GLN D 33 28.10 1.65 -14.27
C GLN D 33 27.60 0.31 -13.74
N TYR D 34 27.03 0.29 -12.56
CA TYR D 34 26.47 -0.92 -11.98
C TYR D 34 25.36 -1.47 -12.88
N VAL D 35 24.50 -0.58 -13.35
CA VAL D 35 23.38 -0.97 -14.20
C VAL D 35 23.88 -1.47 -15.56
N LYS D 36 24.87 -0.80 -16.14
CA LYS D 36 25.46 -1.29 -17.41
C LYS D 36 25.96 -2.72 -17.28
N ASP D 37 26.59 -3.01 -16.15
CA ASP D 37 27.21 -4.32 -15.93
C ASP D 37 26.19 -5.44 -15.67
N THR D 38 25.20 -5.16 -14.83
CA THR D 38 24.34 -6.21 -14.29
C THR D 38 22.90 -6.18 -14.78
N GLY D 39 22.43 -5.02 -15.23
CA GLY D 39 21.03 -4.80 -15.58
C GLY D 39 20.08 -4.65 -14.39
N ASN D 40 20.64 -4.53 -13.20
CA ASN D 40 19.89 -4.57 -11.95
C ASN D 40 20.16 -3.38 -11.00
N ASP D 41 19.26 -3.19 -10.06
CA ASP D 41 19.47 -2.34 -8.91
C ASP D 41 20.41 -3.08 -7.94
N PRO D 42 21.41 -2.40 -7.39
CA PRO D 42 22.40 -3.07 -6.54
C PRO D 42 21.89 -3.53 -5.18
N ILE D 43 20.80 -2.94 -4.71
CA ILE D 43 20.27 -3.29 -3.39
C ILE D 43 19.21 -4.40 -3.49
N THR D 44 18.27 -4.28 -4.42
CA THR D 44 17.16 -5.23 -4.49
C THR D 44 17.40 -6.34 -5.52
N ASN D 45 18.37 -6.14 -6.40
CA ASN D 45 18.68 -7.04 -7.53
C ASN D 45 17.59 -7.12 -8.60
N GLU D 46 16.62 -6.20 -8.55
CA GLU D 46 15.57 -6.14 -9.57
C GLU D 46 16.09 -5.50 -10.86
N PRO D 47 15.54 -5.88 -12.01
CA PRO D 47 15.91 -5.22 -13.26
C PRO D 47 15.69 -3.73 -13.22
N LEU D 48 16.67 -3.03 -13.75
CA LEU D 48 16.68 -1.58 -13.74
C LEU D 48 17.32 -1.14 -15.02
N SER D 49 16.69 -0.21 -15.73
CA SER D 49 17.29 0.46 -16.88
C SER D 49 17.88 1.82 -16.49
N ILE D 50 18.85 2.28 -17.27
CA ILE D 50 19.50 3.57 -17.03
C ILE D 50 18.46 4.66 -17.07
N GLU D 51 17.48 4.53 -17.94
CA GLU D 51 16.52 5.61 -18.14
C GLU D 51 15.54 5.77 -16.96
N GLU D 52 15.41 4.73 -16.14
CA GLU D 52 14.59 4.81 -14.92
C GLU D 52 15.23 5.56 -13.78
N ILE D 53 16.55 5.71 -13.84
CA ILE D 53 17.28 6.39 -12.77
C ILE D 53 16.80 7.85 -12.73
N VAL D 54 16.45 8.34 -11.55
CA VAL D 54 16.01 9.73 -11.41
C VAL D 54 17.20 10.63 -11.10
N GLU D 55 17.52 11.52 -12.03
CA GLU D 55 18.56 12.52 -11.81
C GLU D 55 17.98 13.66 -11.02
N ILE D 56 18.55 13.93 -9.85
CA ILE D 56 18.02 14.92 -8.92
C ILE D 56 18.49 16.30 -9.35
N VAL D 57 17.56 17.25 -9.32
CA VAL D 57 17.83 18.61 -9.73
C VAL D 57 18.50 19.30 -8.57
N PRO D 58 19.65 19.96 -8.80
CA PRO D 58 20.41 20.56 -7.69
C PRO D 58 19.60 21.60 -6.92
N GLY E 1 -7.39 -23.23 0.52
CA GLY E 1 -6.55 -22.22 -0.18
C GLY E 1 -5.09 -22.50 0.02
N SER E 2 -4.25 -21.95 -0.83
CA SER E 2 -2.80 -22.22 -0.78
C SER E 2 -2.00 -20.95 -0.91
N HIS E 3 -0.90 -20.88 -0.20
CA HIS E 3 0.03 -19.75 -0.31
C HIS E 3 1.12 -20.00 -1.35
N MET E 4 1.69 -18.89 -1.80
CA MET E 4 2.86 -18.85 -2.73
C MET E 4 2.54 -19.06 -4.19
N LEU E 5 1.28 -19.31 -4.50
CA LEU E 5 0.85 -19.54 -5.88
C LEU E 5 0.25 -18.29 -6.49
N CYS E 6 0.51 -18.08 -7.77
CA CYS E 6 -0.21 -17.07 -8.51
C CYS E 6 -1.69 -17.46 -8.53
N ALA E 7 -2.55 -16.52 -8.18
CA ALA E 7 -3.99 -16.78 -8.18
C ALA E 7 -4.59 -16.90 -9.57
N ILE E 8 -3.85 -16.53 -10.60
CA ILE E 8 -4.32 -16.74 -12.00
C ILE E 8 -3.79 -18.05 -12.52
N SER E 9 -2.48 -18.25 -12.46
CA SER E 9 -1.86 -19.42 -13.10
C SER E 9 -1.75 -20.67 -12.25
N GLY E 10 -1.86 -20.56 -10.92
CA GLY E 10 -1.75 -21.72 -10.06
C GLY E 10 -0.32 -22.17 -9.80
N LYS E 11 0.65 -21.40 -10.26
CA LYS E 11 2.07 -21.77 -10.16
C LYS E 11 2.78 -20.85 -9.19
N VAL E 12 3.86 -21.34 -8.60
CA VAL E 12 4.79 -20.44 -7.91
C VAL E 12 5.32 -19.45 -8.95
N PRO E 13 5.17 -18.14 -8.76
CA PRO E 13 5.57 -17.20 -9.81
C PRO E 13 7.06 -17.07 -10.04
N ARG E 14 7.39 -16.70 -11.27
CA ARG E 14 8.74 -16.27 -11.62
C ARG E 14 9.00 -14.89 -11.00
N ARG E 15 8.02 -14.00 -11.10
CA ARG E 15 8.13 -12.65 -10.59
C ARG E 15 6.87 -12.34 -9.78
N PRO E 16 6.86 -12.68 -8.49
CA PRO E 16 5.67 -12.49 -7.66
C PRO E 16 5.39 -11.04 -7.38
N VAL E 17 4.11 -10.71 -7.39
CA VAL E 17 3.61 -9.41 -7.01
C VAL E 17 2.39 -9.58 -6.13
N LEU E 18 2.01 -8.49 -5.46
CA LEU E 18 0.85 -8.51 -4.59
C LEU E 18 -0.12 -7.45 -5.04
N SER E 19 -1.38 -7.81 -5.24
CA SER E 19 -2.43 -6.80 -5.41
C SER E 19 -2.82 -6.25 -4.05
N PRO E 20 -2.91 -4.93 -3.89
CA PRO E 20 -3.35 -4.38 -2.60
C PRO E 20 -4.85 -4.53 -2.38
N LYS E 21 -5.62 -4.86 -3.43
CA LYS E 21 -7.08 -5.01 -3.36
C LYS E 21 -7.43 -6.38 -2.80
N SER E 22 -6.98 -7.43 -3.49
CA SER E 22 -7.26 -8.80 -3.06
C SER E 22 -6.21 -9.33 -2.06
N ARG E 23 -5.12 -8.58 -1.89
CA ARG E 23 -4.04 -8.96 -0.99
C ARG E 23 -3.55 -10.35 -1.30
N THR E 24 -3.57 -10.70 -2.59
CA THR E 24 -3.21 -12.03 -3.07
C THR E 24 -1.99 -11.94 -4.00
N ILE E 25 -1.25 -13.04 -4.01
CA ILE E 25 -0.07 -13.18 -4.87
C ILE E 25 -0.46 -13.51 -6.31
N PHE E 26 0.25 -12.87 -7.24
CA PHE E 26 0.15 -13.11 -8.67
C PHE E 26 1.50 -13.12 -9.35
N GLU E 27 1.56 -13.71 -10.52
CA GLU E 27 2.65 -13.51 -11.45
C GLU E 27 2.55 -12.12 -12.03
N LYS E 28 3.64 -11.35 -12.01
CA LYS E 28 3.64 -9.98 -12.53
C LYS E 28 2.95 -9.84 -13.91
N SER E 29 3.39 -10.62 -14.88
CA SER E 29 2.90 -10.44 -16.24
C SER E 29 1.42 -10.76 -16.34
N LEU E 30 0.93 -11.73 -15.58
CA LEU E 30 -0.46 -12.13 -15.68
C LEU E 30 -1.37 -11.14 -14.96
N LEU E 31 -0.96 -10.59 -13.80
CA LEU E 31 -1.80 -9.61 -13.16
C LEU E 31 -1.81 -8.33 -14.00
N GLU E 32 -0.66 -7.95 -14.55
CA GLU E 32 -0.62 -6.75 -15.40
C GLU E 32 -1.52 -6.96 -16.60
N GLN E 33 -1.53 -8.15 -17.18
CA GLN E 33 -2.40 -8.42 -18.32
C GLN E 33 -3.85 -8.32 -17.95
N TYR E 34 -4.20 -8.84 -16.79
CA TYR E 34 -5.58 -8.80 -16.32
C TYR E 34 -6.02 -7.35 -16.14
N VAL E 35 -5.15 -6.51 -15.58
CA VAL E 35 -5.45 -5.08 -15.37
C VAL E 35 -5.60 -4.36 -16.71
N LYS E 36 -4.68 -4.59 -17.62
CA LYS E 36 -4.78 -3.99 -18.95
C LYS E 36 -6.09 -4.36 -19.63
N ASP E 37 -6.50 -5.61 -19.51
CA ASP E 37 -7.69 -6.12 -20.19
C ASP E 37 -8.99 -5.67 -19.55
N THR E 38 -9.06 -5.63 -18.23
CA THR E 38 -10.33 -5.43 -17.51
C THR E 38 -10.39 -4.16 -16.67
N GLY E 39 -9.24 -3.60 -16.33
CA GLY E 39 -9.13 -2.50 -15.40
C GLY E 39 -9.28 -2.83 -13.92
N ASN E 40 -9.39 -4.12 -13.59
CA ASN E 40 -9.81 -4.55 -12.25
C ASN E 40 -8.83 -5.53 -11.60
N ASP E 41 -9.05 -5.77 -10.31
CA ASP E 41 -8.45 -6.88 -9.63
C ASP E 41 -9.28 -8.11 -9.93
N PRO E 42 -8.66 -9.25 -10.24
CA PRO E 42 -9.44 -10.42 -10.67
C PRO E 42 -10.28 -11.12 -9.61
N ILE E 43 -10.01 -10.85 -8.34
CA ILE E 43 -10.71 -11.50 -7.24
C ILE E 43 -11.82 -10.63 -6.69
N THR E 44 -11.52 -9.35 -6.46
CA THR E 44 -12.53 -8.46 -5.90
C THR E 44 -13.31 -7.73 -6.96
N ASN E 45 -12.79 -7.71 -8.19
CA ASN E 45 -13.41 -6.99 -9.31
C ASN E 45 -13.40 -5.45 -9.13
N GLU E 46 -12.69 -4.94 -8.13
CA GLU E 46 -12.52 -3.50 -7.96
C GLU E 46 -11.53 -2.92 -8.98
N PRO E 47 -11.72 -1.69 -9.41
CA PRO E 47 -10.70 -1.07 -10.25
C PRO E 47 -9.29 -1.11 -9.62
N LEU E 48 -8.30 -1.43 -10.44
CA LEU E 48 -6.93 -1.52 -10.00
C LEU E 48 -6.03 -0.93 -11.07
N SER E 49 -5.08 -0.12 -10.68
CA SER E 49 -4.06 0.42 -11.59
C SER E 49 -2.77 -0.34 -11.45
N ILE E 50 -1.99 -0.43 -12.52
CA ILE E 50 -0.73 -1.16 -12.45
C ILE E 50 0.23 -0.53 -11.45
N GLU E 51 0.18 0.80 -11.29
CA GLU E 51 1.07 1.48 -10.34
C GLU E 51 0.78 1.10 -8.87
N GLU E 52 -0.41 0.57 -8.58
CA GLU E 52 -0.78 0.15 -7.23
C GLU E 52 -0.26 -1.24 -6.89
N ILE E 53 0.14 -2.02 -7.87
CA ILE E 53 0.66 -3.35 -7.60
C ILE E 53 1.97 -3.20 -6.83
N VAL E 54 2.20 -4.08 -5.88
CA VAL E 54 3.44 -4.09 -5.14
C VAL E 54 4.28 -5.26 -5.61
N GLU E 55 5.43 -4.98 -6.19
CA GLU E 55 6.34 -6.02 -6.64
C GLU E 55 7.17 -6.56 -5.49
N ILE E 56 7.33 -7.87 -5.40
CA ILE E 56 8.02 -8.48 -4.28
C ILE E 56 9.49 -8.70 -4.59
N VAL E 57 10.32 -8.25 -3.64
CA VAL E 57 11.74 -8.50 -3.65
C VAL E 57 11.99 -9.85 -2.95
N PRO E 58 12.73 -10.73 -3.59
CA PRO E 58 13.08 -12.04 -3.00
C PRO E 58 13.66 -11.92 -1.57
N SER E 59 13.20 -12.79 -0.65
CA SER E 59 13.74 -12.85 0.72
C SER E 59 15.16 -13.45 0.71
N HIS F 3 12.28 -17.14 -2.31
CA HIS F 3 11.48 -15.96 -2.79
C HIS F 3 10.37 -15.49 -1.82
N MET F 4 9.64 -16.41 -1.21
CA MET F 4 8.55 -16.03 -0.29
C MET F 4 8.58 -16.74 1.04
N LEU F 5 9.77 -17.10 1.45
CA LEU F 5 10.02 -17.52 2.81
C LEU F 5 10.09 -16.27 3.68
N CYS F 6 9.90 -16.45 4.98
CA CYS F 6 10.08 -15.37 5.93
C CYS F 6 11.50 -14.81 5.90
N ALA F 7 11.65 -13.49 5.69
CA ALA F 7 12.98 -12.92 5.57
C ALA F 7 13.65 -12.74 6.93
N ILE F 8 12.92 -12.93 8.03
CA ILE F 8 13.53 -12.95 9.37
C ILE F 8 13.98 -14.37 9.77
N SER F 9 13.06 -15.32 9.68
CA SER F 9 13.31 -16.69 10.21
C SER F 9 13.73 -17.74 9.20
N GLY F 10 13.46 -17.50 7.92
CA GLY F 10 13.74 -18.47 6.88
C GLY F 10 12.71 -19.57 6.76
N LYS F 11 11.66 -19.51 7.57
CA LYS F 11 10.63 -20.54 7.61
C LYS F 11 9.57 -20.31 6.52
N VAL F 12 8.82 -21.35 6.20
CA VAL F 12 7.60 -21.24 5.40
C VAL F 12 6.55 -20.50 6.21
N PRO F 13 6.17 -19.31 5.78
CA PRO F 13 5.15 -18.57 6.54
C PRO F 13 3.79 -19.27 6.60
N ARG F 14 3.19 -19.30 7.78
CA ARG F 14 1.82 -19.72 7.93
C ARG F 14 0.87 -18.57 7.68
N ARG F 15 1.26 -17.38 8.10
CA ARG F 15 0.55 -16.17 7.85
C ARG F 15 1.54 -15.20 7.18
N PRO F 16 1.81 -15.37 5.90
CA PRO F 16 2.71 -14.43 5.26
C PRO F 16 2.10 -13.03 5.21
N VAL F 17 2.98 -12.06 5.40
CA VAL F 17 2.66 -10.64 5.29
C VAL F 17 3.76 -9.94 4.49
N LEU F 18 3.44 -8.78 3.96
CA LEU F 18 4.38 -8.00 3.17
C LEU F 18 4.62 -6.65 3.86
N SER F 19 5.88 -6.28 4.00
CA SER F 19 6.21 -4.92 4.37
C SER F 19 6.24 -4.04 3.14
N PRO F 20 5.53 -2.91 3.13
CA PRO F 20 5.59 -2.01 1.97
C PRO F 20 6.93 -1.31 1.82
N LYS F 21 7.77 -1.31 2.86
CA LYS F 21 9.06 -0.61 2.81
C LYS F 21 10.10 -1.46 2.08
N SER F 22 10.29 -2.68 2.54
CA SER F 22 11.23 -3.63 1.93
C SER F 22 10.60 -4.47 0.80
N ARG F 23 9.29 -4.42 0.67
CA ARG F 23 8.55 -5.19 -0.36
C ARG F 23 8.94 -6.65 -0.25
N THR F 24 9.06 -7.11 0.98
CA THR F 24 9.56 -8.43 1.31
C THR F 24 8.55 -9.16 2.17
N ILE F 25 8.51 -10.49 2.08
CA ILE F 25 7.59 -11.32 2.83
C ILE F 25 8.17 -11.78 4.17
N PHE F 26 7.32 -11.84 5.18
CA PHE F 26 7.64 -12.28 6.54
C PHE F 26 6.51 -13.09 7.12
N GLU F 27 6.81 -13.87 8.17
CA GLU F 27 5.79 -14.46 9.01
C GLU F 27 5.17 -13.33 9.86
N LYS F 28 3.84 -13.29 9.89
CA LYS F 28 3.07 -12.21 10.57
C LYS F 28 3.61 -11.89 11.96
N SER F 29 3.67 -12.89 12.83
CA SER F 29 4.00 -12.61 14.22
C SER F 29 5.45 -12.14 14.34
N LEU F 30 6.32 -12.61 13.46
CA LEU F 30 7.74 -12.25 13.53
C LEU F 30 8.01 -10.83 13.05
N LEU F 31 7.35 -10.42 11.98
CA LEU F 31 7.52 -9.03 11.55
C LEU F 31 6.88 -8.09 12.56
N GLU F 32 5.71 -8.46 13.07
CA GLU F 32 5.02 -7.66 14.06
C GLU F 32 5.91 -7.52 15.30
N GLN F 33 6.59 -8.61 15.68
CA GLN F 33 7.46 -8.59 16.86
C GLN F 33 8.61 -7.63 16.61
N TYR F 34 9.20 -7.72 15.42
CA TYR F 34 10.33 -6.88 15.07
C TYR F 34 9.91 -5.39 15.09
N VAL F 35 8.73 -5.09 14.58
CA VAL F 35 8.24 -3.72 14.55
C VAL F 35 7.96 -3.23 15.98
N LYS F 36 7.34 -4.07 16.81
CA LYS F 36 7.10 -3.70 18.20
C LYS F 36 8.41 -3.48 18.94
N ASP F 37 9.42 -4.31 18.63
CA ASP F 37 10.72 -4.24 19.30
C ASP F 37 11.58 -3.04 18.87
N THR F 38 11.59 -2.71 17.58
CA THR F 38 12.51 -1.72 17.02
C THR F 38 11.87 -0.48 16.39
N GLY F 39 10.58 -0.54 16.06
CA GLY F 39 9.89 0.49 15.32
C GLY F 39 10.18 0.52 13.81
N ASN F 40 10.95 -0.45 13.31
CA ASN F 40 11.46 -0.36 11.94
C ASN F 40 11.17 -1.59 11.09
N ASP F 41 11.34 -1.41 9.79
CA ASP F 41 11.46 -2.52 8.86
C ASP F 41 12.85 -3.12 9.02
N PRO F 42 12.96 -4.45 9.09
CA PRO F 42 14.25 -5.10 9.39
C PRO F 42 15.28 -5.05 8.25
N ILE F 43 14.87 -4.67 7.04
CA ILE F 43 15.76 -4.64 5.87
C ILE F 43 16.18 -3.23 5.46
N THR F 44 15.24 -2.29 5.43
CA THR F 44 15.59 -0.91 5.06
C THR F 44 15.91 -0.05 6.29
N ASN F 45 15.53 -0.56 7.47
CA ASN F 45 15.65 0.16 8.75
C ASN F 45 14.78 1.40 8.84
N GLU F 46 13.86 1.61 7.89
CA GLU F 46 12.92 2.72 7.95
C GLU F 46 11.85 2.49 9.01
N PRO F 47 11.29 3.55 9.59
CA PRO F 47 10.16 3.36 10.48
C PRO F 47 9.03 2.64 9.79
N LEU F 48 8.39 1.72 10.49
CA LEU F 48 7.28 0.94 9.98
C LEU F 48 6.27 0.81 11.09
N SER F 49 5.00 1.06 10.78
CA SER F 49 3.92 0.87 11.72
C SER F 49 3.22 -0.45 11.41
N ILE F 50 2.69 -1.13 12.42
CA ILE F 50 2.00 -2.39 12.14
C ILE F 50 0.82 -2.24 11.16
N GLU F 51 0.12 -1.11 11.17
CA GLU F 51 -1.03 -0.91 10.31
C GLU F 51 -0.65 -0.83 8.83
N GLU F 52 0.63 -0.57 8.55
CA GLU F 52 1.13 -0.48 7.16
C GLU F 52 1.43 -1.87 6.56
N ILE F 53 1.49 -2.90 7.40
CA ILE F 53 1.79 -4.25 6.94
C ILE F 53 0.58 -4.75 6.16
N VAL F 54 0.81 -5.46 5.06
CA VAL F 54 -0.26 -6.03 4.27
C VAL F 54 -0.28 -7.52 4.50
N GLU F 55 -1.38 -8.01 5.05
CA GLU F 55 -1.56 -9.43 5.29
C GLU F 55 -1.98 -10.13 4.00
N ILE F 56 -1.37 -11.27 3.72
CA ILE F 56 -1.55 -11.95 2.44
C ILE F 56 -2.62 -13.05 2.55
N VAL F 57 -3.55 -13.06 1.62
CA VAL F 57 -4.63 -14.04 1.56
C VAL F 57 -4.20 -15.17 0.62
N PRO F 58 -4.39 -16.43 1.00
CA PRO F 58 -4.03 -17.52 0.10
C PRO F 58 -4.93 -17.55 -1.12
N SER F 59 -4.44 -18.11 -2.22
CA SER F 59 -5.27 -18.21 -3.44
C SER F 59 -6.28 -19.35 -3.27
N ALA F 60 -7.47 -19.17 -3.84
CA ALA F 60 -8.57 -20.14 -3.72
C ALA F 60 -9.32 -20.22 -5.03
#